data_5BZU
#
_entry.id   5BZU
#
_cell.length_a   107.363
_cell.length_b   107.363
_cell.length_c   167.226
_cell.angle_alpha   90.00
_cell.angle_beta   90.00
_cell.angle_gamma   120.00
#
_symmetry.space_group_name_H-M   'P 61 2 2'
#
loop_
_entity.id
_entity.type
_entity.pdbx_description
1 polymer 'Suppressor protein MPT5'
2 polymer UGUAAUA
3 water water
#
loop_
_entity_poly.entity_id
_entity_poly.type
_entity_poly.pdbx_seq_one_letter_code
_entity_poly.pdbx_strand_id
1 'polypeptide(L)'
;SMVEISALPLRDLDYIKLATDQFGCRFLQKKLETPSESNMVRDLMYEQIKPFFLDLILDPFGNYLVQKLCDYLTAEQKTL
LIQTIYPNVFQISINQYGTRSLQKIIDTVDNEVQIDLIIKGFSQEFTSIEQVVTLINDLNGNHVIQKCIFKFSPSKFGFI
IDAIVEQNNIITISTHKHGCCVLQKLLSVCTLQQIFKISVKIVQFLPGLINDQFGNYIIQFLLDIKELDFYLLAELFNRL
SNELCQLSCLKFSSNVVEKFIKKLFRIITGFIVNNNGGASQRTAVASDDVINASMNILLTTIDIFTVNLNVLIRDNFGNY
ALQTLLDVKNYSPLLAYNKNSNAIGQNSSSTLNYGNFCNDFSLKIGNLIVLTKELLPSIKTTSYAKKIKLKVKAYAEATG
;
A
2 'polyribonucleotide' UGUAAUGAUUA B
#
loop_
_chem_comp.id
_chem_comp.type
_chem_comp.name
_chem_comp.formula
A RNA linking ADENOSINE-5'-MONOPHOSPHATE 'C10 H14 N5 O7 P'
G RNA linking GUANOSINE-5'-MONOPHOSPHATE 'C10 H14 N5 O8 P'
U RNA linking URIDINE-5'-MONOPHOSPHATE 'C9 H13 N2 O9 P'
#
# COMPACT_ATOMS: atom_id res chain seq x y z
N GLU A 4 11.66 -32.96 36.85
CA GLU A 4 10.48 -33.80 36.72
C GLU A 4 10.33 -34.37 35.30
N ILE A 5 10.11 -33.49 34.32
CA ILE A 5 9.92 -33.88 32.93
C ILE A 5 11.29 -34.08 32.27
N SER A 6 12.28 -33.36 32.79
CA SER A 6 13.65 -33.45 32.29
C SER A 6 14.20 -34.85 32.51
N ALA A 7 13.73 -35.52 33.56
CA ALA A 7 14.22 -36.86 33.91
C ALA A 7 13.57 -37.95 33.07
N LEU A 8 12.59 -37.58 32.25
CA LEU A 8 11.90 -38.54 31.40
C LEU A 8 12.59 -38.69 30.05
N PRO A 9 12.66 -39.92 29.53
CA PRO A 9 13.17 -40.16 28.17
C PRO A 9 12.27 -39.46 27.16
N LEU A 10 12.86 -38.89 26.12
CA LEU A 10 12.10 -38.14 25.12
C LEU A 10 10.99 -38.98 24.48
N ARG A 11 11.29 -40.28 24.29
CA ARG A 11 10.37 -41.21 23.66
C ARG A 11 9.11 -41.43 24.51
N ASP A 12 9.16 -40.98 25.76
CA ASP A 12 8.07 -41.20 26.71
C ASP A 12 7.32 -39.91 27.04
N LEU A 13 7.64 -38.83 26.33
CA LEU A 13 6.98 -37.56 26.54
C LEU A 13 5.59 -37.52 25.88
N ASP A 14 4.64 -36.86 26.55
CA ASP A 14 3.32 -36.66 25.96
C ASP A 14 3.28 -35.30 25.26
N TYR A 15 3.66 -35.30 23.98
CA TYR A 15 3.92 -34.06 23.25
C TYR A 15 2.73 -33.12 23.05
N ILE A 16 1.53 -33.66 22.90
CA ILE A 16 0.33 -32.84 22.75
C ILE A 16 0.07 -32.08 24.03
N LYS A 17 0.17 -32.80 25.15
CA LYS A 17 -0.01 -32.22 26.47
C LYS A 17 0.96 -31.06 26.70
N LEU A 18 2.24 -31.30 26.41
CA LEU A 18 3.26 -30.26 26.58
C LEU A 18 3.06 -29.07 25.62
N ALA A 19 2.64 -29.36 24.39
CA ALA A 19 2.53 -28.33 23.36
C ALA A 19 1.57 -27.19 23.71
N THR A 20 0.46 -27.54 24.36
CA THR A 20 -0.55 -26.54 24.74
C THR A 20 -0.34 -25.98 26.15
N ASP A 21 0.78 -26.34 26.78
CA ASP A 21 1.16 -25.80 28.09
C ASP A 21 2.34 -24.84 27.93
N GLN A 22 2.29 -23.71 28.63
CA GLN A 22 3.33 -22.67 28.51
C GLN A 22 4.73 -23.20 28.80
N PHE A 23 4.84 -24.03 29.82
CA PHE A 23 6.14 -24.55 30.24
C PHE A 23 6.53 -25.80 29.45
N GLY A 24 5.55 -26.64 29.15
CA GLY A 24 5.79 -27.80 28.30
C GLY A 24 6.26 -27.35 26.93
N CYS A 25 5.63 -26.30 26.41
CA CYS A 25 5.98 -25.78 25.10
C CYS A 25 7.37 -25.15 25.11
N ARG A 26 7.65 -24.37 26.15
CA ARG A 26 8.97 -23.78 26.34
C ARG A 26 10.05 -24.83 26.54
N PHE A 27 9.70 -25.91 27.23
CA PHE A 27 10.62 -27.03 27.41
C PHE A 27 10.95 -27.66 26.05
N LEU A 28 9.92 -27.87 25.23
CA LEU A 28 10.09 -28.46 23.91
C LEU A 28 10.95 -27.55 23.03
N GLN A 29 10.74 -26.26 23.14
CA GLN A 29 11.51 -25.29 22.36
C GLN A 29 12.99 -25.36 22.72
N LYS A 30 13.28 -25.39 24.02
CA LYS A 30 14.66 -25.45 24.48
C LYS A 30 15.29 -26.78 24.04
N LYS A 31 14.49 -27.83 23.99
CA LYS A 31 14.96 -29.12 23.50
C LYS A 31 15.28 -29.05 22.00
N LEU A 32 14.53 -28.23 21.26
CA LEU A 32 14.79 -28.03 19.84
C LEU A 32 16.08 -27.22 19.62
N GLU A 33 16.41 -26.38 20.59
CA GLU A 33 17.63 -25.57 20.52
C GLU A 33 18.84 -26.33 21.05
N THR A 34 18.62 -27.59 21.45
CA THR A 34 19.67 -28.45 21.98
C THR A 34 20.14 -29.43 20.92
N PRO A 35 21.28 -29.12 20.28
CA PRO A 35 21.80 -29.82 19.09
C PRO A 35 21.87 -31.33 19.24
N SER A 36 22.33 -31.80 20.40
CA SER A 36 22.45 -33.23 20.64
C SER A 36 21.11 -33.94 20.61
N GLU A 37 20.05 -33.25 21.03
CA GLU A 37 18.72 -33.84 21.11
C GLU A 37 17.72 -33.19 20.15
N SER A 38 18.18 -32.23 19.34
CA SER A 38 17.26 -31.46 18.49
C SER A 38 16.50 -32.33 17.48
N ASN A 39 17.25 -33.06 16.65
CA ASN A 39 16.63 -33.91 15.64
C ASN A 39 15.62 -34.92 16.20
N MET A 40 16.05 -35.67 17.21
CA MET A 40 15.17 -36.70 17.80
C MET A 40 13.92 -36.13 18.47
N VAL A 41 14.07 -35.04 19.21
CA VAL A 41 12.90 -34.46 19.88
C VAL A 41 11.91 -33.97 18.82
N ARG A 42 12.45 -33.48 17.71
CA ARG A 42 11.64 -32.99 16.59
C ARG A 42 10.83 -34.12 15.97
N ASP A 43 11.52 -35.21 15.63
CA ASP A 43 10.88 -36.34 14.96
C ASP A 43 9.86 -37.07 15.85
N LEU A 44 10.16 -37.21 17.14
CA LEU A 44 9.19 -37.78 18.08
C LEU A 44 7.96 -36.87 18.21
N MET A 45 8.21 -35.59 18.49
CA MET A 45 7.18 -34.58 18.63
C MET A 45 6.29 -34.51 17.39
N TYR A 46 6.91 -34.52 16.21
CA TYR A 46 6.22 -34.39 14.94
C TYR A 46 5.13 -35.45 14.76
N GLU A 47 5.52 -36.71 14.89
CA GLU A 47 4.59 -37.81 14.67
C GLU A 47 3.37 -37.77 15.58
N GLN A 48 3.54 -37.21 16.78
CA GLN A 48 2.46 -37.19 17.75
C GLN A 48 1.55 -35.97 17.60
N ILE A 49 2.12 -34.84 17.19
CA ILE A 49 1.35 -33.61 17.06
C ILE A 49 0.70 -33.37 15.70
N LYS A 50 1.13 -34.11 14.67
CA LYS A 50 0.60 -33.89 13.32
C LYS A 50 -0.93 -33.98 13.11
N PRO A 51 -1.64 -34.81 13.92
CA PRO A 51 -3.10 -34.73 13.77
C PRO A 51 -3.67 -33.42 14.34
N PHE A 52 -2.87 -32.70 15.11
CA PHE A 52 -3.35 -31.50 15.80
C PHE A 52 -2.66 -30.23 15.29
N PHE A 53 -2.11 -30.30 14.07
CA PHE A 53 -1.41 -29.16 13.48
C PHE A 53 -2.21 -27.86 13.50
N LEU A 54 -3.47 -27.93 13.07
CA LEU A 54 -4.35 -26.76 13.07
C LEU A 54 -4.58 -26.28 14.50
N ASP A 55 -4.84 -27.22 15.40
CA ASP A 55 -5.09 -26.92 16.81
C ASP A 55 -3.95 -26.14 17.44
N LEU A 56 -2.73 -26.64 17.27
CA LEU A 56 -1.54 -25.98 17.81
C LEU A 56 -1.27 -24.60 17.18
N ILE A 57 -1.44 -24.52 15.87
CA ILE A 57 -1.26 -23.26 15.12
C ILE A 57 -2.12 -22.14 15.71
N LEU A 58 -3.30 -22.51 16.20
CA LEU A 58 -4.24 -21.54 16.77
C LEU A 58 -4.08 -21.39 18.28
N ASP A 59 -3.17 -22.17 18.87
CA ASP A 59 -3.07 -22.25 20.32
C ASP A 59 -2.18 -21.14 20.90
N PRO A 60 -2.62 -20.54 22.02
CA PRO A 60 -1.89 -19.43 22.67
C PRO A 60 -0.43 -19.78 22.93
N PHE A 61 -0.15 -21.05 23.24
CA PHE A 61 1.21 -21.49 23.48
C PHE A 61 1.73 -22.37 22.34
N GLY A 62 0.86 -23.19 21.77
CA GLY A 62 1.22 -24.06 20.66
C GLY A 62 1.74 -23.32 19.45
N ASN A 63 1.24 -22.11 19.22
CA ASN A 63 1.69 -21.32 18.08
C ASN A 63 3.19 -21.01 18.20
N TYR A 64 3.68 -20.92 19.43
CA TYR A 64 5.12 -20.72 19.64
C TYR A 64 5.92 -21.95 19.22
N LEU A 65 5.38 -23.14 19.50
CA LEU A 65 6.08 -24.38 19.13
C LEU A 65 6.14 -24.57 17.62
N VAL A 66 4.99 -24.45 16.97
CA VAL A 66 4.91 -24.48 15.51
C VAL A 66 5.93 -23.53 14.86
N GLN A 67 5.98 -22.29 15.33
CA GLN A 67 6.95 -21.32 14.82
C GLN A 67 8.38 -21.81 15.02
N LYS A 68 8.69 -22.27 16.23
CA LYS A 68 10.03 -22.74 16.55
C LYS A 68 10.38 -23.94 15.67
N LEU A 69 9.40 -24.82 15.47
CA LEU A 69 9.57 -26.03 14.68
C LEU A 69 9.95 -25.70 13.24
N CYS A 70 9.46 -24.58 12.72
CA CYS A 70 9.74 -24.17 11.35
C CYS A 70 11.22 -24.01 11.03
N ASP A 71 12.02 -23.70 12.04
CA ASP A 71 13.46 -23.55 11.84
C ASP A 71 14.19 -24.90 11.83
N TYR A 72 13.48 -25.99 12.14
CA TYR A 72 14.12 -27.30 12.25
C TYR A 72 13.52 -28.39 11.37
N LEU A 73 12.27 -28.23 10.95
CA LEU A 73 11.59 -29.26 10.16
C LEU A 73 12.31 -29.56 8.84
N THR A 74 12.27 -30.81 8.41
CA THR A 74 12.79 -31.19 7.09
C THR A 74 11.84 -30.63 6.05
N ALA A 75 12.25 -30.62 4.78
CA ALA A 75 11.38 -30.18 3.70
C ALA A 75 10.13 -31.06 3.66
N GLU A 76 10.34 -32.36 3.83
CA GLU A 76 9.25 -33.33 3.81
C GLU A 76 8.30 -33.09 4.96
N GLN A 77 8.86 -32.81 6.14
CA GLN A 77 8.05 -32.50 7.32
C GLN A 77 7.24 -31.21 7.17
N LYS A 78 7.87 -30.15 6.68
CA LYS A 78 7.17 -28.88 6.47
C LYS A 78 6.12 -28.97 5.36
N THR A 79 6.42 -29.76 4.32
CA THR A 79 5.46 -30.00 3.25
C THR A 79 4.20 -30.66 3.77
N LEU A 80 4.34 -31.75 4.50
CA LEU A 80 3.20 -32.45 5.09
C LEU A 80 2.40 -31.54 6.01
N LEU A 81 3.10 -30.67 6.73
CA LEU A 81 2.44 -29.70 7.62
C LEU A 81 1.54 -28.78 6.80
N ILE A 82 2.09 -28.23 5.73
CA ILE A 82 1.36 -27.30 4.87
C ILE A 82 0.20 -28.01 4.15
N GLN A 83 0.45 -29.24 3.70
CA GLN A 83 -0.59 -30.06 3.08
C GLN A 83 -1.79 -30.26 4.02
N THR A 84 -1.52 -30.25 5.32
CA THR A 84 -2.55 -30.51 6.31
C THR A 84 -3.45 -29.30 6.54
N ILE A 85 -2.84 -28.12 6.57
CA ILE A 85 -3.56 -26.92 7.00
C ILE A 85 -3.88 -25.89 5.94
N TYR A 86 -3.39 -26.06 4.72
CA TYR A 86 -3.65 -25.07 3.66
C TYR A 86 -5.13 -24.73 3.40
N PRO A 87 -6.05 -25.73 3.55
CA PRO A 87 -7.45 -25.30 3.36
C PRO A 87 -7.92 -24.34 4.45
N ASN A 88 -7.24 -24.33 5.59
CA ASN A 88 -7.67 -23.51 6.72
C ASN A 88 -6.99 -22.15 6.82
N VAL A 89 -6.34 -21.69 5.74
CA VAL A 89 -5.57 -20.45 5.79
C VAL A 89 -6.40 -19.21 6.17
N PHE A 90 -7.67 -19.16 5.80
CA PHE A 90 -8.50 -18.03 6.20
C PHE A 90 -8.64 -17.98 7.72
N GLN A 91 -9.16 -19.07 8.31
CA GLN A 91 -9.34 -19.18 9.74
C GLN A 91 -8.07 -18.87 10.53
N ILE A 92 -6.95 -19.42 10.05
CA ILE A 92 -5.66 -19.20 10.68
C ILE A 92 -5.25 -17.73 10.63
N SER A 93 -5.45 -17.10 9.47
CA SER A 93 -4.96 -15.73 9.25
C SER A 93 -5.68 -14.68 10.09
N ILE A 94 -6.99 -14.85 10.31
CA ILE A 94 -7.76 -13.93 11.16
C ILE A 94 -7.50 -14.19 12.64
N ASN A 95 -6.86 -15.31 12.94
CA ASN A 95 -6.60 -15.70 14.33
C ASN A 95 -5.39 -15.01 14.95
N GLN A 96 -5.60 -14.46 16.13
CA GLN A 96 -4.56 -13.86 16.98
C GLN A 96 -3.24 -14.65 16.97
N TYR A 97 -3.32 -15.95 17.24
CA TYR A 97 -2.12 -16.78 17.31
C TYR A 97 -1.82 -17.41 15.95
N GLY A 98 -2.87 -17.77 15.22
CA GLY A 98 -2.71 -18.35 13.90
C GLY A 98 -1.93 -17.49 12.93
N THR A 99 -2.10 -16.16 13.02
CA THR A 99 -1.38 -15.26 12.12
C THR A 99 0.12 -15.35 12.33
N ARG A 100 0.55 -15.59 13.56
CA ARG A 100 1.97 -15.70 13.85
C ARG A 100 2.53 -16.98 13.25
N SER A 101 1.79 -18.08 13.40
CA SER A 101 2.20 -19.37 12.89
C SER A 101 2.40 -19.32 11.37
N LEU A 102 1.39 -18.79 10.67
CA LEU A 102 1.39 -18.79 9.21
C LEU A 102 2.49 -17.89 8.61
N GLN A 103 2.69 -16.71 9.19
CA GLN A 103 3.78 -15.84 8.78
C GLN A 103 5.12 -16.57 8.83
N LYS A 104 5.37 -17.27 9.93
CA LYS A 104 6.62 -18.00 10.13
C LYS A 104 6.77 -19.14 9.13
N ILE A 105 5.67 -19.86 8.90
CA ILE A 105 5.62 -20.90 7.87
C ILE A 105 5.91 -20.32 6.47
N ILE A 106 5.19 -19.26 6.10
CA ILE A 106 5.41 -18.60 4.82
C ILE A 106 6.86 -18.12 4.73
N ASP A 107 7.36 -17.57 5.82
CA ASP A 107 8.71 -17.00 5.86
C ASP A 107 9.82 -18.07 5.77
N THR A 108 9.47 -19.33 6.05
CA THR A 108 10.47 -20.40 5.99
C THR A 108 10.12 -21.53 5.03
N VAL A 109 9.37 -21.22 3.97
CA VAL A 109 9.10 -22.20 2.90
C VAL A 109 10.40 -22.71 2.27
N ASP A 110 10.48 -24.02 2.02
CA ASP A 110 11.69 -24.63 1.47
C ASP A 110 11.71 -24.64 -0.06
N ASN A 111 10.53 -24.74 -0.66
CA ASN A 111 10.43 -24.91 -2.10
C ASN A 111 9.11 -24.39 -2.66
N GLU A 112 8.92 -24.51 -3.97
CA GLU A 112 7.72 -23.98 -4.60
C GLU A 112 6.48 -24.85 -4.36
N VAL A 113 6.68 -26.16 -4.26
CA VAL A 113 5.59 -27.07 -3.91
C VAL A 113 4.87 -26.61 -2.64
N GLN A 114 5.64 -26.17 -1.64
CA GLN A 114 5.06 -25.64 -0.41
C GLN A 114 4.35 -24.31 -0.65
N ILE A 115 4.97 -23.44 -1.44
CA ILE A 115 4.38 -22.16 -1.80
C ILE A 115 3.05 -22.36 -2.52
N ASP A 116 3.07 -23.19 -3.55
CA ASP A 116 1.86 -23.47 -4.32
C ASP A 116 0.70 -24.03 -3.49
N LEU A 117 1.01 -24.82 -2.47
CA LEU A 117 -0.03 -25.33 -1.58
C LEU A 117 -0.71 -24.19 -0.80
N ILE A 118 0.09 -23.28 -0.26
CA ILE A 118 -0.44 -22.12 0.47
C ILE A 118 -1.33 -21.27 -0.45
N ILE A 119 -0.82 -20.98 -1.64
CA ILE A 119 -1.57 -20.22 -2.64
C ILE A 119 -2.90 -20.92 -2.99
N LYS A 120 -2.85 -22.25 -3.13
CA LYS A 120 -4.07 -23.03 -3.37
C LYS A 120 -5.07 -22.82 -2.24
N GLY A 121 -4.58 -22.67 -1.01
CA GLY A 121 -5.44 -22.41 0.13
C GLY A 121 -6.15 -21.08 0.02
N PHE A 122 -5.48 -20.09 -0.56
CA PHE A 122 -6.06 -18.76 -0.73
C PHE A 122 -6.91 -18.64 -2.01
N SER A 123 -6.93 -19.69 -2.83
CA SER A 123 -7.77 -19.68 -4.04
C SER A 123 -9.22 -19.88 -3.67
N GLN A 124 -10.11 -19.59 -4.62
CA GLN A 124 -11.55 -19.65 -4.37
C GLN A 124 -12.05 -21.06 -4.05
N GLU A 125 -11.20 -22.06 -4.28
CA GLU A 125 -11.55 -23.43 -3.93
C GLU A 125 -11.65 -23.59 -2.40
N PHE A 126 -10.98 -22.71 -1.67
CA PHE A 126 -10.96 -22.77 -0.20
C PHE A 126 -11.23 -21.43 0.50
N THR A 127 -11.10 -20.33 -0.22
CA THR A 127 -11.24 -19.00 0.39
C THR A 127 -11.91 -18.05 -0.59
N SER A 128 -13.10 -17.58 -0.25
CA SER A 128 -13.85 -16.70 -1.16
C SER A 128 -13.16 -15.37 -1.35
N ILE A 129 -13.49 -14.70 -2.46
CA ILE A 129 -13.03 -13.35 -2.73
C ILE A 129 -13.32 -12.45 -1.53
N GLU A 130 -14.57 -12.49 -1.08
CA GLU A 130 -15.03 -11.75 0.09
C GLU A 130 -14.14 -11.99 1.32
N GLN A 131 -13.70 -13.23 1.50
CA GLN A 131 -12.86 -13.57 2.65
C GLN A 131 -11.47 -12.99 2.48
N VAL A 132 -10.93 -13.04 1.26
CA VAL A 132 -9.64 -12.44 0.95
C VAL A 132 -9.66 -10.95 1.30
N VAL A 133 -10.73 -10.26 0.89
CA VAL A 133 -10.91 -8.84 1.22
C VAL A 133 -10.88 -8.64 2.72
N THR A 134 -11.63 -9.48 3.44
CA THR A 134 -11.64 -9.47 4.90
C THR A 134 -10.24 -9.60 5.50
N LEU A 135 -9.44 -10.52 4.98
CA LEU A 135 -8.06 -10.70 5.44
C LEU A 135 -7.22 -9.44 5.21
N ILE A 136 -7.42 -8.80 4.06
CA ILE A 136 -6.66 -7.59 3.70
C ILE A 136 -6.92 -6.45 4.69
N ASN A 137 -8.16 -6.34 5.18
CA ASN A 137 -8.51 -5.27 6.11
C ASN A 137 -8.43 -5.69 7.58
N ASP A 138 -8.24 -7.00 7.80
CA ASP A 138 -8.25 -7.54 9.15
C ASP A 138 -6.98 -7.23 9.96
N LEU A 139 -7.16 -6.96 11.25
CA LEU A 139 -6.06 -6.68 12.17
C LEU A 139 -4.93 -7.72 12.14
N ASN A 140 -5.30 -8.99 12.06
CA ASN A 140 -4.33 -10.08 12.08
C ASN A 140 -3.99 -10.60 10.70
N GLY A 141 -5.01 -10.63 9.84
CA GLY A 141 -4.87 -11.20 8.51
C GLY A 141 -4.01 -10.38 7.56
N ASN A 142 -4.06 -9.06 7.68
CA ASN A 142 -3.33 -8.22 6.72
C ASN A 142 -1.82 -8.51 6.76
N HIS A 143 -1.35 -8.99 7.90
CA HIS A 143 0.05 -9.38 8.04
C HIS A 143 0.40 -10.64 7.24
N VAL A 144 -0.55 -11.57 7.11
CA VAL A 144 -0.32 -12.75 6.27
C VAL A 144 -0.28 -12.35 4.80
N ILE A 145 -1.20 -11.48 4.39
CA ILE A 145 -1.21 -10.96 3.03
C ILE A 145 0.09 -10.23 2.69
N GLN A 146 0.57 -9.39 3.62
CA GLN A 146 1.85 -8.71 3.44
C GLN A 146 3.00 -9.71 3.31
N LYS A 147 2.96 -10.78 4.10
CA LYS A 147 3.99 -11.81 4.05
C LYS A 147 4.07 -12.43 2.65
N CYS A 148 2.91 -12.83 2.12
CA CYS A 148 2.83 -13.38 0.77
C CYS A 148 3.42 -12.39 -0.22
N ILE A 149 3.05 -11.13 -0.03
CA ILE A 149 3.44 -10.05 -0.94
C ILE A 149 4.96 -9.86 -0.97
N PHE A 150 5.61 -10.11 0.15
CA PHE A 150 7.05 -9.89 0.22
C PHE A 150 7.89 -11.16 0.09
N LYS A 151 7.25 -12.31 0.16
CA LYS A 151 7.97 -13.59 0.14
C LYS A 151 7.82 -14.30 -1.21
N PHE A 152 6.62 -14.24 -1.79
CA PHE A 152 6.31 -14.96 -3.01
C PHE A 152 6.50 -14.12 -4.27
N SER A 153 6.80 -14.79 -5.38
CA SER A 153 6.82 -14.14 -6.68
C SER A 153 5.45 -13.57 -7.00
N PRO A 154 5.42 -12.39 -7.64
CA PRO A 154 4.17 -11.76 -8.11
C PRO A 154 3.34 -12.68 -9.00
N SER A 155 3.96 -13.69 -9.60
CA SER A 155 3.20 -14.66 -10.37
C SER A 155 2.21 -15.44 -9.50
N LYS A 156 2.34 -15.32 -8.18
CA LYS A 156 1.43 -15.98 -7.24
C LYS A 156 0.30 -15.06 -6.75
N PHE A 157 0.37 -13.78 -7.12
CA PHE A 157 -0.52 -12.77 -6.55
C PHE A 157 -1.98 -12.85 -7.02
N GLY A 158 -2.29 -13.80 -7.89
CA GLY A 158 -3.61 -13.95 -8.48
C GLY A 158 -4.79 -13.70 -7.54
N PHE A 159 -4.81 -14.39 -6.41
CA PHE A 159 -5.94 -14.29 -5.49
C PHE A 159 -6.09 -12.90 -4.86
N ILE A 160 -4.97 -12.21 -4.65
CA ILE A 160 -4.99 -10.85 -4.14
C ILE A 160 -5.57 -9.91 -5.19
N ILE A 161 -5.07 -10.02 -6.43
CA ILE A 161 -5.54 -9.18 -7.53
C ILE A 161 -7.02 -9.38 -7.80
N ASP A 162 -7.44 -10.63 -7.94
CA ASP A 162 -8.84 -10.98 -8.20
C ASP A 162 -9.79 -10.35 -7.20
N ALA A 163 -9.40 -10.35 -5.92
CA ALA A 163 -10.22 -9.78 -4.86
C ALA A 163 -10.32 -8.25 -4.95
N ILE A 164 -9.21 -7.63 -5.32
CA ILE A 164 -9.17 -6.17 -5.42
C ILE A 164 -10.03 -5.62 -6.56
N VAL A 165 -9.89 -6.21 -7.74
CA VAL A 165 -10.60 -5.71 -8.94
C VAL A 165 -12.06 -6.15 -9.02
N GLU A 166 -12.47 -7.02 -8.08
CA GLU A 166 -13.86 -7.49 -8.06
C GLU A 166 -14.80 -6.33 -7.72
N GLN A 167 -15.67 -5.98 -8.67
CA GLN A 167 -16.71 -4.97 -8.48
C GLN A 167 -16.17 -3.67 -7.89
N ASN A 168 -16.56 -3.35 -6.65
CA ASN A 168 -16.12 -2.12 -6.01
C ASN A 168 -15.22 -2.35 -4.80
N ASN A 169 -14.64 -3.55 -4.69
CA ASN A 169 -13.73 -3.84 -3.60
C ASN A 169 -12.52 -2.88 -3.50
N ILE A 170 -12.20 -2.17 -4.58
CA ILE A 170 -11.10 -1.22 -4.55
C ILE A 170 -11.37 -0.12 -3.52
N ILE A 171 -12.65 0.16 -3.28
CA ILE A 171 -13.04 1.15 -2.29
C ILE A 171 -12.96 0.58 -0.88
N THR A 172 -13.53 -0.61 -0.70
CA THR A 172 -13.49 -1.31 0.59
C THR A 172 -12.04 -1.43 1.09
N ILE A 173 -11.12 -1.69 0.16
CA ILE A 173 -9.72 -1.86 0.50
C ILE A 173 -8.99 -0.52 0.66
N SER A 174 -9.12 0.37 -0.33
CA SER A 174 -8.40 1.65 -0.31
C SER A 174 -8.83 2.60 0.80
N THR A 175 -10.10 2.54 1.21
CA THR A 175 -10.62 3.46 2.21
C THR A 175 -10.54 2.87 3.63
N HIS A 176 -9.73 1.83 3.78
CA HIS A 176 -9.55 1.16 5.07
C HIS A 176 -8.13 1.31 5.60
N LYS A 177 -8.01 1.65 6.87
CA LYS A 177 -6.74 1.77 7.62
C LYS A 177 -5.68 0.71 7.28
N HIS A 178 -6.07 -0.55 7.24
CA HIS A 178 -5.13 -1.63 6.95
C HIS A 178 -5.02 -1.94 5.45
N GLY A 179 -6.15 -1.97 4.77
CA GLY A 179 -6.18 -2.29 3.36
C GLY A 179 -5.37 -1.32 2.53
N CYS A 180 -5.38 -0.07 2.95
CA CYS A 180 -4.63 0.98 2.25
C CYS A 180 -3.14 0.68 2.27
N CYS A 181 -2.66 0.15 3.39
CA CYS A 181 -1.25 -0.18 3.54
CA CYS A 181 -1.25 -0.16 3.51
C CYS A 181 -0.87 -1.38 2.68
N VAL A 182 -1.69 -2.43 2.77
CA VAL A 182 -1.47 -3.64 1.98
C VAL A 182 -1.38 -3.31 0.50
N LEU A 183 -2.35 -2.53 0.01
CA LEU A 183 -2.40 -2.18 -1.41
C LEU A 183 -1.11 -1.48 -1.85
N GLN A 184 -0.61 -0.58 -1.01
CA GLN A 184 0.66 0.10 -1.30
C GLN A 184 1.83 -0.88 -1.34
N LYS A 185 1.90 -1.78 -0.37
CA LYS A 185 2.90 -2.85 -0.40
C LYS A 185 2.77 -3.61 -1.71
N LEU A 186 1.55 -3.98 -2.08
CA LEU A 186 1.32 -4.73 -3.31
C LEU A 186 1.83 -3.98 -4.53
N LEU A 187 1.40 -2.72 -4.66
CA LEU A 187 1.78 -1.89 -5.80
C LEU A 187 3.31 -1.70 -5.92
N SER A 188 4.00 -1.77 -4.79
CA SER A 188 5.46 -1.54 -4.78
C SER A 188 6.23 -2.73 -5.33
N VAL A 189 5.57 -3.88 -5.43
CA VAL A 189 6.23 -5.11 -5.91
C VAL A 189 5.49 -5.79 -7.07
N CYS A 190 4.25 -5.37 -7.32
CA CYS A 190 3.42 -5.86 -8.43
C CYS A 190 4.13 -5.86 -9.79
N THR A 191 3.69 -6.72 -10.70
CA THR A 191 4.11 -6.60 -12.10
C THR A 191 3.36 -5.42 -12.71
N LEU A 192 3.89 -4.88 -13.80
CA LEU A 192 3.28 -3.71 -14.41
C LEU A 192 1.85 -3.99 -14.85
N GLN A 193 1.63 -5.16 -15.45
CA GLN A 193 0.29 -5.56 -15.89
C GLN A 193 -0.68 -5.77 -14.73
N GLN A 194 -0.18 -6.04 -13.53
CA GLN A 194 -1.04 -6.12 -12.36
C GLN A 194 -1.41 -4.72 -11.87
N ILE A 195 -0.44 -3.81 -11.86
CA ILE A 195 -0.67 -2.42 -11.52
C ILE A 195 -1.77 -1.81 -12.41
N PHE A 196 -1.72 -2.11 -13.70
CA PHE A 196 -2.71 -1.64 -14.66
C PHE A 196 -4.13 -2.05 -14.29
N LYS A 197 -4.32 -3.34 -14.00
CA LYS A 197 -5.63 -3.89 -13.65
C LYS A 197 -6.25 -3.19 -12.43
N ILE A 198 -5.39 -2.87 -11.46
CA ILE A 198 -5.83 -2.16 -10.26
C ILE A 198 -6.07 -0.68 -10.55
N SER A 199 -5.24 -0.10 -11.42
CA SER A 199 -5.37 1.29 -11.81
C SER A 199 -6.69 1.58 -12.53
N VAL A 200 -7.13 0.65 -13.36
CA VAL A 200 -8.40 0.77 -14.05
C VAL A 200 -9.52 0.90 -13.04
N LYS A 201 -9.44 0.08 -12.00
CA LYS A 201 -10.46 0.05 -10.96
C LYS A 201 -10.39 1.29 -10.07
N ILE A 202 -9.18 1.78 -9.84
CA ILE A 202 -8.98 2.99 -9.04
C ILE A 202 -9.57 4.21 -9.74
N VAL A 203 -9.32 4.32 -11.04
CA VAL A 203 -9.84 5.42 -11.83
C VAL A 203 -11.37 5.38 -11.90
N GLN A 204 -11.93 4.18 -12.07
CA GLN A 204 -13.38 4.00 -12.14
C GLN A 204 -14.08 4.52 -10.90
N PHE A 205 -13.46 4.30 -9.74
CA PHE A 205 -14.02 4.70 -8.46
C PHE A 205 -13.25 5.87 -7.84
N LEU A 206 -12.68 6.72 -8.69
CA LEU A 206 -11.89 7.87 -8.23
C LEU A 206 -12.60 8.80 -7.24
N PRO A 207 -13.89 9.14 -7.49
CA PRO A 207 -14.55 10.05 -6.53
C PRO A 207 -14.70 9.45 -5.15
N GLY A 208 -14.75 8.13 -5.06
CA GLY A 208 -14.83 7.46 -3.78
C GLY A 208 -13.47 7.33 -3.10
N LEU A 209 -12.41 7.74 -3.80
CA LEU A 209 -11.05 7.60 -3.28
C LEU A 209 -10.33 8.92 -3.13
N ILE A 210 -10.58 9.84 -4.04
CA ILE A 210 -9.80 11.08 -4.16
C ILE A 210 -9.75 11.89 -2.87
N ASN A 211 -10.86 11.90 -2.12
CA ASN A 211 -10.91 12.66 -0.86
C ASN A 211 -11.17 11.79 0.37
N ASP A 212 -10.97 10.49 0.23
CA ASP A 212 -11.04 9.62 1.41
C ASP A 212 -9.76 9.78 2.23
N GLN A 213 -9.91 9.66 3.55
CA GLN A 213 -8.81 9.84 4.50
C GLN A 213 -7.62 8.92 4.21
N PHE A 214 -7.89 7.78 3.59
CA PHE A 214 -6.82 6.85 3.23
C PHE A 214 -6.70 6.74 1.71
N GLY A 215 -7.84 6.84 1.02
CA GLY A 215 -7.87 6.74 -0.43
C GLY A 215 -7.00 7.75 -1.16
N ASN A 216 -6.87 8.94 -0.59
CA ASN A 216 -6.05 9.98 -1.21
C ASN A 216 -4.59 9.52 -1.32
N TYR A 217 -4.16 8.70 -0.37
CA TYR A 217 -2.80 8.17 -0.36
C TYR A 217 -2.54 7.20 -1.52
N ILE A 218 -3.55 6.39 -1.86
CA ILE A 218 -3.48 5.49 -3.01
C ILE A 218 -3.28 6.26 -4.33
N ILE A 219 -4.04 7.34 -4.50
CA ILE A 219 -3.91 8.14 -5.71
C ILE A 219 -2.49 8.71 -5.79
N GLN A 220 -2.01 9.27 -4.69
CA GLN A 220 -0.67 9.85 -4.64
C GLN A 220 0.40 8.79 -4.95
N PHE A 221 0.22 7.59 -4.41
CA PHE A 221 1.16 6.50 -4.63
C PHE A 221 1.23 6.19 -6.13
N LEU A 222 0.07 6.09 -6.75
CA LEU A 222 -0.03 5.84 -8.18
C LEU A 222 0.75 6.90 -8.96
N LEU A 223 0.76 8.13 -8.43
CA LEU A 223 1.43 9.25 -9.11
C LEU A 223 2.96 9.19 -9.02
N ASP A 224 3.48 8.30 -8.19
CA ASP A 224 4.93 8.14 -8.06
C ASP A 224 5.48 7.03 -8.96
N ILE A 225 4.58 6.27 -9.58
CA ILE A 225 4.98 5.22 -10.51
C ILE A 225 5.16 5.79 -11.93
N LYS A 226 6.42 5.93 -12.35
CA LYS A 226 6.75 6.62 -13.60
C LYS A 226 6.20 5.92 -14.84
N GLU A 227 6.07 4.60 -14.78
CA GLU A 227 5.61 3.81 -15.91
C GLU A 227 4.11 4.02 -16.15
N LEU A 228 3.50 4.88 -15.36
CA LEU A 228 2.07 5.14 -15.48
C LEU A 228 1.82 6.52 -16.09
N ASP A 229 2.86 7.34 -16.14
CA ASP A 229 2.76 8.70 -16.68
C ASP A 229 2.06 8.81 -18.04
N PHE A 230 2.27 7.81 -18.91
CA PHE A 230 1.78 7.88 -20.29
C PHE A 230 0.26 7.90 -20.45
N TYR A 231 -0.47 7.62 -19.36
CA TYR A 231 -1.92 7.58 -19.43
C TYR A 231 -2.57 8.19 -18.17
N LEU A 232 -1.94 8.00 -17.03
CA LEU A 232 -2.54 8.35 -15.74
C LEU A 232 -2.76 9.85 -15.56
N LEU A 233 -1.84 10.66 -16.07
CA LEU A 233 -1.97 12.11 -15.96
C LEU A 233 -3.18 12.65 -16.70
N ALA A 234 -3.34 12.24 -17.95
CA ALA A 234 -4.52 12.60 -18.74
C ALA A 234 -5.80 11.98 -18.17
N GLU A 235 -5.71 10.72 -17.74
CA GLU A 235 -6.88 10.03 -17.18
C GLU A 235 -7.40 10.71 -15.91
N LEU A 236 -6.50 10.96 -14.96
CA LEU A 236 -6.87 11.66 -13.73
C LEU A 236 -7.50 13.01 -14.06
N PHE A 237 -6.79 13.83 -14.82
CA PHE A 237 -7.25 15.18 -15.09
C PHE A 237 -8.57 15.23 -15.84
N ASN A 238 -8.78 14.30 -16.77
CA ASN A 238 -10.05 14.24 -17.49
C ASN A 238 -11.21 13.83 -16.60
N ARG A 239 -10.90 13.18 -15.49
CA ARG A 239 -11.92 12.74 -14.54
C ARG A 239 -12.12 13.75 -13.40
N LEU A 240 -11.25 14.74 -13.32
CA LEU A 240 -11.23 15.65 -12.17
C LEU A 240 -11.35 17.12 -12.52
N SER A 241 -11.00 17.48 -13.76
CA SER A 241 -10.88 18.87 -14.16
C SER A 241 -12.10 19.71 -13.82
N ASN A 242 -13.28 19.23 -14.19
CA ASN A 242 -14.52 19.97 -13.96
C ASN A 242 -14.81 20.24 -12.48
N GLU A 243 -14.14 19.51 -11.59
CA GLU A 243 -14.30 19.72 -10.16
C GLU A 243 -12.96 19.95 -9.46
N LEU A 244 -11.97 20.43 -10.21
CA LEU A 244 -10.63 20.64 -9.68
C LEU A 244 -10.59 21.65 -8.54
N CYS A 245 -11.37 22.72 -8.67
CA CYS A 245 -11.44 23.74 -7.62
C CYS A 245 -12.02 23.16 -6.33
N GLN A 246 -13.09 22.38 -6.46
CA GLN A 246 -13.69 21.71 -5.32
C GLN A 246 -12.67 20.83 -4.60
N LEU A 247 -11.98 20.00 -5.36
CA LEU A 247 -11.01 19.04 -4.81
C LEU A 247 -9.83 19.75 -4.16
N SER A 248 -9.48 20.93 -4.66
CA SER A 248 -8.41 21.74 -4.08
C SER A 248 -8.84 22.32 -2.74
N CYS A 249 -10.16 22.35 -2.49
CA CYS A 249 -10.68 22.95 -1.26
C CYS A 249 -11.20 21.89 -0.28
N LEU A 250 -10.75 20.66 -0.43
CA LEU A 250 -11.12 19.60 0.51
C LEU A 250 -9.87 19.08 1.21
N LYS A 251 -10.01 18.71 2.49
CA LYS A 251 -8.88 18.32 3.33
C LYS A 251 -7.94 17.32 2.69
N PHE A 252 -8.48 16.18 2.26
CA PHE A 252 -7.65 15.08 1.78
C PHE A 252 -7.29 15.18 0.30
N SER A 253 -8.26 15.52 -0.54
CA SER A 253 -7.99 15.63 -1.97
C SER A 253 -7.06 16.81 -2.34
N SER A 254 -6.94 17.79 -1.46
CA SER A 254 -6.07 18.94 -1.74
C SER A 254 -4.62 18.51 -1.85
N ASN A 255 -4.24 17.46 -1.13
CA ASN A 255 -2.87 16.96 -1.19
C ASN A 255 -2.59 16.30 -2.54
N VAL A 256 -3.61 15.63 -3.08
CA VAL A 256 -3.48 14.97 -4.37
C VAL A 256 -3.31 16.01 -5.49
N VAL A 257 -4.07 17.10 -5.41
CA VAL A 257 -3.97 18.18 -6.39
C VAL A 257 -2.56 18.76 -6.34
N GLU A 258 -2.04 18.99 -5.13
CA GLU A 258 -0.66 19.46 -4.95
C GLU A 258 0.33 18.48 -5.57
N LYS A 259 0.19 17.21 -5.23
CA LYS A 259 1.04 16.15 -5.79
C LYS A 259 0.96 16.17 -7.31
N PHE A 260 -0.26 16.24 -7.83
CA PHE A 260 -0.49 16.25 -9.28
C PHE A 260 0.19 17.44 -9.96
N ILE A 261 0.04 18.62 -9.36
CA ILE A 261 0.64 19.84 -9.89
C ILE A 261 2.17 19.80 -9.87
N LYS A 262 2.74 19.27 -8.78
CA LYS A 262 4.19 19.16 -8.68
C LYS A 262 4.75 18.15 -9.67
N LYS A 263 3.94 17.16 -10.04
CA LYS A 263 4.36 16.16 -11.00
C LYS A 263 4.42 16.75 -12.41
N LEU A 264 3.44 17.59 -12.74
CA LEU A 264 3.43 18.31 -14.01
C LEU A 264 4.68 19.18 -14.15
N PHE A 265 5.04 19.86 -13.07
CA PHE A 265 6.23 20.70 -13.04
C PHE A 265 7.51 19.87 -13.20
N ARG A 266 7.62 18.79 -12.43
CA ARG A 266 8.83 17.94 -12.45
C ARG A 266 9.10 17.31 -13.81
N ILE A 267 8.04 16.94 -14.52
CA ILE A 267 8.15 16.34 -15.83
C ILE A 267 8.63 17.34 -16.89
N ILE A 268 8.01 18.51 -16.91
CA ILE A 268 8.36 19.54 -17.90
C ILE A 268 9.74 20.13 -17.65
N THR A 269 10.07 20.36 -16.38
CA THR A 269 11.40 20.86 -16.01
C THR A 269 12.49 19.87 -16.42
N GLY A 270 12.27 18.59 -16.09
CA GLY A 270 13.20 17.53 -16.40
C GLY A 270 13.44 17.33 -17.89
N PHE A 271 12.53 17.87 -18.70
CA PHE A 271 12.68 17.86 -20.15
C PHE A 271 13.82 18.79 -20.57
N ILE A 272 14.28 19.62 -19.64
CA ILE A 272 15.36 20.56 -19.89
C ILE A 272 16.60 20.25 -19.07
N ALA A 286 12.34 11.06 -19.16
CA ALA A 286 10.90 10.93 -19.32
C ALA A 286 10.50 11.09 -20.79
N SER A 287 9.67 10.16 -21.29
CA SER A 287 9.33 10.10 -22.72
C SER A 287 8.61 11.35 -23.25
N ASP A 288 8.36 11.37 -24.57
CA ASP A 288 7.87 12.58 -25.21
C ASP A 288 6.35 12.81 -25.16
N ASP A 289 5.56 11.75 -25.31
CA ASP A 289 4.11 11.88 -25.31
C ASP A 289 3.61 12.50 -24.00
N VAL A 290 4.21 12.08 -22.89
CA VAL A 290 3.92 12.63 -21.57
C VAL A 290 4.12 14.15 -21.51
N ILE A 291 5.28 14.61 -21.96
CA ILE A 291 5.63 16.03 -21.98
C ILE A 291 4.56 16.86 -22.70
N ASN A 292 4.02 16.29 -23.77
CA ASN A 292 3.03 16.97 -24.59
C ASN A 292 1.78 17.34 -23.78
N ALA A 293 1.10 16.33 -23.24
CA ALA A 293 -0.14 16.53 -22.49
C ALA A 293 0.08 17.22 -21.15
N SER A 294 1.24 16.97 -20.53
CA SER A 294 1.59 17.62 -19.28
C SER A 294 1.60 19.14 -19.44
N MET A 295 2.17 19.60 -20.55
CA MET A 295 2.19 21.03 -20.86
C MET A 295 0.78 21.58 -21.00
N ASN A 296 -0.09 20.82 -21.66
CA ASN A 296 -1.46 21.23 -21.90
C ASN A 296 -2.29 21.29 -20.62
N ILE A 297 -2.18 20.25 -19.81
CA ILE A 297 -2.90 20.14 -18.54
C ILE A 297 -2.46 21.21 -17.55
N LEU A 298 -1.18 21.52 -17.53
CA LEU A 298 -0.63 22.52 -16.62
C LEU A 298 -1.25 23.88 -16.93
N LEU A 299 -1.33 24.21 -18.22
CA LEU A 299 -1.88 25.48 -18.64
C LEU A 299 -3.37 25.58 -18.28
N THR A 300 -4.10 24.51 -18.55
CA THR A 300 -5.51 24.44 -18.20
C THR A 300 -5.74 24.63 -16.70
N THR A 301 -4.85 24.04 -15.90
CA THR A 301 -4.91 24.19 -14.45
C THR A 301 -4.78 25.66 -14.03
N ILE A 302 -3.78 26.33 -14.58
CA ILE A 302 -3.54 27.74 -14.28
C ILE A 302 -4.78 28.57 -14.63
N ASP A 303 -5.40 28.24 -15.76
CA ASP A 303 -6.67 28.84 -16.15
C ASP A 303 -7.73 28.65 -15.08
N ILE A 304 -7.89 27.40 -14.64
CA ILE A 304 -8.87 27.04 -13.63
C ILE A 304 -8.58 27.73 -12.29
N PHE A 305 -7.31 27.79 -11.91
CA PHE A 305 -6.92 28.44 -10.66
C PHE A 305 -7.03 29.96 -10.76
N THR A 306 -6.82 30.49 -11.96
CA THR A 306 -7.01 31.92 -12.22
C THR A 306 -8.47 32.32 -12.07
N VAL A 307 -9.36 31.59 -12.75
CA VAL A 307 -10.80 31.86 -12.68
C VAL A 307 -11.32 31.79 -11.25
N ASN A 308 -10.92 30.75 -10.53
CA ASN A 308 -11.40 30.54 -9.16
C ASN A 308 -10.48 31.14 -8.10
N LEU A 309 -9.58 32.03 -8.49
CA LEU A 309 -8.62 32.64 -7.57
C LEU A 309 -9.27 33.24 -6.30
N ASN A 310 -10.49 33.74 -6.44
CA ASN A 310 -11.24 34.31 -5.33
C ASN A 310 -11.48 33.32 -4.18
N VAL A 311 -11.72 32.06 -4.53
CA VAL A 311 -12.00 31.03 -3.53
C VAL A 311 -10.73 30.35 -3.02
N LEU A 312 -9.85 29.99 -3.95
CA LEU A 312 -8.62 29.27 -3.62
C LEU A 312 -7.68 30.01 -2.66
N ILE A 313 -7.49 31.31 -2.89
CA ILE A 313 -6.62 32.12 -2.02
C ILE A 313 -7.26 32.30 -0.64
N ARG A 314 -8.55 32.01 -0.56
CA ARG A 314 -9.33 32.27 0.64
C ARG A 314 -9.67 30.98 1.39
N ASP A 315 -9.51 29.85 0.71
CA ASP A 315 -9.87 28.56 1.30
C ASP A 315 -8.81 28.02 2.27
N ASN A 316 -9.27 27.42 3.36
CA ASN A 316 -8.38 26.82 4.36
C ASN A 316 -7.46 25.72 3.79
N PHE A 317 -7.88 25.10 2.70
CA PHE A 317 -7.06 24.10 2.04
C PHE A 317 -6.59 24.55 0.66
N GLY A 318 -7.42 25.33 -0.02
CA GLY A 318 -7.14 25.78 -1.36
C GLY A 318 -5.88 26.59 -1.51
N ASN A 319 -5.54 27.37 -0.48
CA ASN A 319 -4.37 28.24 -0.54
C ASN A 319 -3.07 27.45 -0.75
N TYR A 320 -3.03 26.24 -0.20
CA TYR A 320 -1.88 25.35 -0.38
C TYR A 320 -1.73 24.98 -1.85
N ALA A 321 -2.84 24.66 -2.50
CA ALA A 321 -2.82 24.34 -3.93
C ALA A 321 -2.30 25.54 -4.73
N LEU A 322 -2.83 26.71 -4.41
CA LEU A 322 -2.44 27.95 -5.08
C LEU A 322 -0.95 28.21 -4.89
N GLN A 323 -0.48 28.14 -3.64
CA GLN A 323 0.92 28.38 -3.31
C GLN A 323 1.87 27.43 -4.03
N THR A 324 1.44 26.17 -4.18
CA THR A 324 2.23 25.18 -4.91
C THR A 324 2.37 25.57 -6.38
N LEU A 325 1.27 26.06 -6.97
CA LEU A 325 1.29 26.50 -8.35
C LEU A 325 2.20 27.71 -8.53
N LEU A 326 2.17 28.61 -7.55
CA LEU A 326 2.86 29.90 -7.64
C LEU A 326 4.34 29.85 -7.26
N ASP A 327 4.76 28.78 -6.60
CA ASP A 327 6.14 28.71 -6.11
C ASP A 327 7.13 28.60 -7.26
N VAL A 328 7.84 29.70 -7.52
CA VAL A 328 8.82 29.79 -8.60
C VAL A 328 9.86 28.68 -8.55
N LYS A 329 10.23 28.27 -7.34
CA LYS A 329 11.18 27.18 -7.15
C LYS A 329 10.76 25.91 -7.90
N ASN A 330 9.46 25.76 -8.13
CA ASN A 330 8.93 24.63 -8.89
C ASN A 330 9.19 24.77 -10.39
N TYR A 331 9.19 26.01 -10.90
CA TYR A 331 9.26 26.23 -12.34
C TYR A 331 10.31 27.24 -12.82
N SER A 332 11.47 27.28 -12.14
CA SER A 332 12.55 28.19 -12.55
C SER A 332 13.00 28.03 -14.01
N PRO A 333 13.35 26.79 -14.43
CA PRO A 333 13.89 26.66 -15.79
C PRO A 333 12.87 26.96 -16.90
N LEU A 334 11.61 27.17 -16.53
CA LEU A 334 10.58 27.48 -17.51
C LEU A 334 10.46 28.99 -17.71
N LEU A 335 11.30 29.74 -17.00
CA LEU A 335 11.30 31.19 -17.10
C LEU A 335 12.26 31.70 -18.17
N GLY A 355 8.66 24.92 -26.61
CA GLY A 355 9.04 26.22 -27.14
C GLY A 355 7.99 27.27 -26.84
N ASN A 356 6.92 27.27 -27.63
CA ASN A 356 5.80 28.18 -27.42
C ASN A 356 5.23 28.12 -26.00
N PHE A 357 5.24 26.91 -25.43
CA PHE A 357 4.71 26.70 -24.08
C PHE A 357 5.46 27.52 -23.03
N CYS A 358 6.78 27.57 -23.15
CA CYS A 358 7.61 28.29 -22.18
C CYS A 358 7.28 29.78 -22.16
N ASN A 359 6.52 30.23 -23.15
CA ASN A 359 6.03 31.61 -23.20
C ASN A 359 4.54 31.74 -22.87
N ASP A 360 3.79 30.66 -23.06
CA ASP A 360 2.39 30.62 -22.65
C ASP A 360 2.27 30.47 -21.15
N PHE A 361 3.19 29.70 -20.57
CA PHE A 361 3.27 29.55 -19.13
C PHE A 361 3.66 30.88 -18.50
N SER A 362 4.80 31.41 -18.94
CA SER A 362 5.33 32.66 -18.41
C SER A 362 4.31 33.79 -18.47
N LEU A 363 3.41 33.71 -19.44
CA LEU A 363 2.34 34.70 -19.57
C LEU A 363 1.22 34.45 -18.57
N LYS A 364 0.63 33.26 -18.61
CA LYS A 364 -0.53 32.95 -17.78
C LYS A 364 -0.23 32.75 -16.29
N ILE A 365 1.01 32.38 -15.95
CA ILE A 365 1.40 32.31 -14.55
C ILE A 365 1.81 33.70 -14.06
N GLY A 366 2.41 34.49 -14.95
CA GLY A 366 2.77 35.86 -14.63
C GLY A 366 1.51 36.68 -14.41
N ASN A 367 0.50 36.41 -15.23
CA ASN A 367 -0.80 37.04 -15.11
C ASN A 367 -1.45 36.67 -13.78
N LEU A 368 -1.35 35.40 -13.39
CA LEU A 368 -1.90 34.95 -12.11
C LEU A 368 -1.15 35.59 -10.93
N ILE A 369 0.15 35.79 -11.09
CA ILE A 369 0.98 36.44 -10.08
C ILE A 369 0.44 37.82 -9.73
N VAL A 370 0.22 38.65 -10.75
CA VAL A 370 -0.29 40.01 -10.53
C VAL A 370 -1.71 40.01 -9.96
N LEU A 371 -2.50 39.00 -10.32
CA LEU A 371 -3.87 38.89 -9.84
C LEU A 371 -3.92 38.53 -8.36
N THR A 372 -2.92 37.76 -7.91
CA THR A 372 -2.76 37.45 -6.50
C THR A 372 -2.46 38.71 -5.69
N LYS A 373 -1.63 39.59 -6.25
CA LYS A 373 -1.30 40.87 -5.63
C LYS A 373 -2.53 41.72 -5.32
N GLU A 374 -3.45 41.80 -6.28
CA GLU A 374 -4.67 42.59 -6.14
C GLU A 374 -5.55 42.10 -4.99
N LEU A 375 -5.59 40.78 -4.80
CA LEU A 375 -6.41 40.19 -3.75
C LEU A 375 -5.67 40.15 -2.41
N LEU A 376 -4.34 40.25 -2.48
CA LEU A 376 -3.48 40.19 -1.29
C LEU A 376 -3.92 41.07 -0.10
N PRO A 377 -4.42 42.30 -0.36
CA PRO A 377 -4.94 43.06 0.78
C PRO A 377 -6.25 42.53 1.34
N SER A 378 -7.06 41.89 0.50
CA SER A 378 -8.36 41.37 0.95
C SER A 378 -8.26 40.16 1.87
N ILE A 379 -7.02 39.75 2.22
CA ILE A 379 -6.81 38.63 3.13
C ILE A 379 -5.78 38.94 4.22
N LYS A 380 -5.74 40.19 4.66
CA LYS A 380 -4.80 40.62 5.70
C LYS A 380 -4.91 39.78 6.97
N THR A 381 -6.15 39.51 7.36
CA THR A 381 -6.45 38.79 8.60
C THR A 381 -5.93 37.35 8.64
N THR A 382 -5.77 36.75 7.47
CA THR A 382 -5.34 35.35 7.39
C THR A 382 -3.89 35.15 7.82
N SER A 383 -3.59 33.94 8.30
CA SER A 383 -2.27 33.61 8.83
C SER A 383 -1.22 33.37 7.74
N TYR A 384 -1.68 33.19 6.50
CA TYR A 384 -0.78 32.78 5.42
C TYR A 384 -0.56 33.84 4.35
N ALA A 385 -0.98 35.07 4.61
CA ALA A 385 -0.80 36.16 3.64
C ALA A 385 0.68 36.38 3.32
N LYS A 386 1.51 36.39 4.35
CA LYS A 386 2.94 36.63 4.21
C LYS A 386 3.68 35.51 3.47
N LYS A 387 3.12 34.29 3.53
CA LYS A 387 3.67 33.16 2.79
C LYS A 387 3.43 33.38 1.30
N ILE A 388 2.26 33.92 0.99
CA ILE A 388 1.89 34.25 -0.38
C ILE A 388 2.70 35.44 -0.87
N LYS A 389 2.82 36.45 -0.02
CA LYS A 389 3.57 37.66 -0.32
C LYS A 389 5.02 37.34 -0.67
N LEU A 390 5.60 36.37 0.03
CA LEU A 390 6.98 35.95 -0.23
C LEU A 390 7.12 35.31 -1.60
N LYS A 391 6.09 34.59 -2.04
CA LYS A 391 6.10 33.90 -3.33
C LYS A 391 5.97 34.87 -4.50
N VAL A 392 5.14 35.89 -4.35
CA VAL A 392 5.05 36.95 -5.34
C VAL A 392 6.38 37.72 -5.39
N LYS A 393 6.97 37.91 -4.21
CA LYS A 393 8.28 38.56 -4.06
C LYS A 393 9.40 37.77 -4.73
N ALA A 394 9.41 36.46 -4.51
CA ALA A 394 10.45 35.60 -5.08
C ALA A 394 10.25 35.40 -6.57
N TYR A 395 9.03 35.64 -7.05
CA TYR A 395 8.75 35.63 -8.48
C TYR A 395 9.56 36.73 -9.15
N ALA A 396 9.43 37.95 -8.64
CA ALA A 396 10.10 39.12 -9.20
C ALA A 396 11.62 38.97 -9.24
N GLU A 397 12.19 38.41 -8.19
CA GLU A 397 13.65 38.29 -8.06
C GLU A 397 14.28 37.44 -9.17
N ALA A 398 13.49 36.56 -9.78
CA ALA A 398 13.94 35.74 -10.89
C ALA A 398 13.27 36.17 -12.19
N THR A 399 12.79 37.41 -12.24
CA THR A 399 12.06 37.91 -13.39
C THR A 399 12.47 39.34 -13.76
#